data_4IBM
#
_entry.id   4IBM
#
_cell.length_a   50.838
_cell.length_b   89.210
_cell.length_c   142.193
_cell.angle_alpha   90.00
_cell.angle_beta   90.00
_cell.angle_gamma   90.00
#
_symmetry.space_group_name_H-M   'P 21 21 21'
#
loop_
_entity.id
_entity.type
_entity.pdbx_description
1 polymer 'Insulin receptor'
2 non-polymer 5-(2-phenylpyrazolo[1,5-a]pyridin-3-yl)-3H-pyrazolo[3,4-c]pyridazin-3-one
3 water water
#
_entity_poly.entity_id   1
_entity_poly.type   'polypeptide(L)'
_entity_poly.pdbx_seq_one_letter_code
;VFPCSVYVPDEWEVSREKITLLRELGQGSFGMVYEGNARDIIKGEAETRVAVKTVNESASLRERIEFLNEASVMKGFTCH
HVVRLLGVVSKGQPTLVVMELMAHGDLKSYLRSLRPEAENNPGRPPPTLQEMIQMAAEIADGMAYLNAKKFVHRDLAARN
CMVAHDFTVKIGDFGMTRDIYETDYYRKGGKGLLPVRWMAPESLKDGVFTTSSDMWSFGVVLWEITSLAEQPYQGLSNEQ
VLKFVMDGGYLDQPDNCPERVTDLMRMCWQFNPNMRPTFLEIVNLLKDDLHPSFPEVSFFHSEENK
;
_entity_poly.pdbx_strand_id   A,B
#
# COMPACT_ATOMS: atom_id res chain seq x y z
N SER A 5 -2.11 16.46 -18.63
CA SER A 5 -3.27 17.37 -18.91
C SER A 5 -3.96 17.09 -20.24
N VAL A 6 -4.69 15.99 -20.27
CA VAL A 6 -5.62 15.66 -21.35
C VAL A 6 -6.83 14.99 -20.69
N TYR A 7 -8.05 15.32 -21.13
CA TYR A 7 -9.21 14.51 -20.79
C TYR A 7 -9.99 14.08 -22.02
N VAL A 8 -9.97 12.79 -22.30
CA VAL A 8 -10.69 12.22 -23.45
C VAL A 8 -12.10 11.80 -22.99
N PRO A 9 -13.15 12.33 -23.65
CA PRO A 9 -14.52 11.90 -23.36
C PRO A 9 -14.72 10.43 -23.68
N ASP A 10 -15.46 9.74 -22.82
CA ASP A 10 -15.69 8.31 -22.99
C ASP A 10 -17.18 7.99 -22.84
N GLU A 11 -17.50 6.74 -22.47
CA GLU A 11 -18.87 6.26 -22.36
C GLU A 11 -19.60 6.83 -21.13
N TRP A 12 -18.85 7.47 -20.24
CA TRP A 12 -19.42 8.16 -19.09
C TRP A 12 -19.92 9.55 -19.42
N GLU A 13 -19.54 10.06 -20.60
CA GLU A 13 -19.98 11.39 -21.00
C GLU A 13 -21.50 11.39 -21.10
N VAL A 14 -22.11 12.43 -20.56
CA VAL A 14 -23.56 12.61 -20.65
CA VAL A 14 -23.56 12.60 -20.64
C VAL A 14 -23.90 14.00 -21.16
N SER A 15 -24.97 14.10 -21.94
CA SER A 15 -25.44 15.40 -22.44
C SER A 15 -25.79 16.33 -21.30
N ARG A 16 -25.27 17.56 -21.36
CA ARG A 16 -25.61 18.60 -20.38
C ARG A 16 -27.13 18.78 -20.27
N GLU A 17 -27.83 18.55 -21.36
CA GLU A 17 -29.28 18.74 -21.41
C GLU A 17 -30.06 17.82 -20.46
N LYS A 18 -29.47 16.66 -20.14
CA LYS A 18 -30.07 15.73 -19.20
C LYS A 18 -30.00 16.18 -17.73
N ILE A 19 -29.12 17.13 -17.42
CA ILE A 19 -28.80 17.50 -16.02
C ILE A 19 -29.42 18.84 -15.62
N THR A 20 -30.21 18.86 -14.55
CA THR A 20 -30.77 20.10 -14.00
C THR A 20 -30.23 20.30 -12.59
N LEU A 21 -29.59 21.44 -12.35
CA LEU A 21 -29.09 21.80 -11.03
C LEU A 21 -30.20 22.48 -10.24
N LEU A 22 -30.52 21.97 -9.07
CA LEU A 22 -31.69 22.44 -8.31
C LEU A 22 -31.39 23.28 -7.07
N ARG A 23 -30.41 22.85 -6.27
CA ARG A 23 -30.02 23.55 -5.04
C ARG A 23 -28.61 23.21 -4.60
N GLU A 24 -28.00 24.14 -3.87
CA GLU A 24 -26.67 23.94 -3.32
C GLU A 24 -26.71 22.92 -2.19
N LEU A 25 -25.77 22.00 -2.21
CA LEU A 25 -25.59 21.10 -1.07
C LEU A 25 -24.47 21.60 -0.19
N GLY A 26 -23.37 22.03 -0.80
CA GLY A 26 -22.22 22.54 -0.07
C GLY A 26 -20.97 22.63 -0.92
N GLN A 27 -20.01 23.40 -0.43
CA GLN A 27 -18.75 23.65 -1.15
C GLN A 27 -17.81 22.46 -1.01
N GLY A 28 -17.46 21.84 -2.13
CA GLY A 28 -16.38 20.84 -2.16
C GLY A 28 -15.06 21.62 -2.21
N SER A 29 -13.92 20.97 -1.95
CA SER A 29 -12.67 21.75 -1.91
C SER A 29 -12.25 22.33 -3.26
N PHE A 30 -12.83 21.83 -4.35
CA PHE A 30 -12.56 22.37 -5.69
C PHE A 30 -13.73 23.13 -6.33
N GLY A 31 -14.89 23.12 -5.68
CA GLY A 31 -16.08 23.82 -6.20
C GLY A 31 -17.40 23.39 -5.58
N MET A 32 -18.46 24.15 -5.86
CA MET A 32 -19.79 23.91 -5.31
C MET A 32 -20.37 22.55 -5.75
N VAL A 33 -20.96 21.83 -4.80
CA VAL A 33 -21.75 20.63 -5.09
C VAL A 33 -23.24 20.94 -4.98
N TYR A 34 -24.00 20.52 -5.99
CA TYR A 34 -25.44 20.75 -6.06
C TYR A 34 -26.25 19.45 -5.96
N GLU A 35 -27.49 19.56 -5.50
CA GLU A 35 -28.49 18.53 -5.76
C GLU A 35 -29.12 18.79 -7.12
N GLY A 36 -29.34 17.73 -7.89
CA GLY A 36 -29.93 17.89 -9.21
C GLY A 36 -30.90 16.78 -9.59
N ASN A 37 -31.47 16.93 -10.79
CA ASN A 37 -32.25 15.86 -11.40
C ASN A 37 -31.58 15.48 -12.71
N ALA A 38 -31.41 14.17 -12.92
CA ALA A 38 -30.81 13.67 -14.14
C ALA A 38 -31.79 12.76 -14.87
N ARG A 39 -32.01 13.05 -16.15
CA ARG A 39 -32.88 12.24 -16.98
C ARG A 39 -32.08 11.13 -17.67
N ASP A 40 -32.59 9.90 -17.60
CA ASP A 40 -32.03 8.77 -18.34
C ASP A 40 -30.51 8.64 -18.17
N ILE A 41 -30.08 8.65 -16.89
CA ILE A 41 -28.67 8.45 -16.55
CA ILE A 41 -28.67 8.43 -16.58
C ILE A 41 -28.44 7.03 -16.00
N ILE A 42 -29.45 6.51 -15.31
CA ILE A 42 -29.43 5.14 -14.81
C ILE A 42 -30.45 4.30 -15.61
N LYS A 43 -29.97 3.20 -16.16
CA LYS A 43 -30.80 2.32 -17.00
C LYS A 43 -31.94 1.80 -16.15
N GLY A 44 -33.17 1.94 -16.64
CA GLY A 44 -34.33 1.50 -15.88
C GLY A 44 -35.01 2.62 -15.09
N GLU A 45 -34.34 3.77 -14.99
CA GLU A 45 -34.88 4.95 -14.31
C GLU A 45 -35.03 6.11 -15.28
N ALA A 46 -36.26 6.59 -15.44
CA ALA A 46 -36.51 7.72 -16.34
C ALA A 46 -35.78 8.96 -15.83
N GLU A 47 -35.80 9.14 -14.52
CA GLU A 47 -35.16 10.29 -13.87
C GLU A 47 -34.57 9.88 -12.54
N THR A 48 -33.43 10.48 -12.17
CA THR A 48 -32.74 10.15 -10.93
C THR A 48 -32.31 11.42 -10.19
N ARG A 49 -32.60 11.47 -8.89
CA ARG A 49 -32.07 12.51 -8.00
C ARG A 49 -30.59 12.28 -7.83
N VAL A 50 -29.79 13.29 -8.11
CA VAL A 50 -28.33 13.13 -8.11
C VAL A 50 -27.65 14.25 -7.35
N ALA A 51 -26.36 14.07 -7.06
CA ALA A 51 -25.51 15.18 -6.65
C ALA A 51 -24.66 15.53 -7.85
N VAL A 52 -24.42 16.80 -8.07
CA VAL A 52 -23.49 17.15 -9.14
C VAL A 52 -22.42 18.15 -8.71
N LYS A 53 -21.17 17.73 -8.86
CA LYS A 53 -20.01 18.49 -8.40
C LYS A 53 -19.36 19.26 -9.55
N THR A 54 -18.91 20.47 -9.23
CA THR A 54 -18.37 21.42 -10.21
C THR A 54 -16.99 21.94 -9.79
N VAL A 55 -16.35 22.66 -10.70
CA VAL A 55 -15.14 23.45 -10.40
C VAL A 55 -15.55 24.90 -10.12
N ASN A 56 -14.75 25.63 -9.35
CA ASN A 56 -14.92 27.08 -9.23
C ASN A 56 -14.76 27.73 -10.60
N GLU A 57 -15.57 28.75 -10.89
CA GLU A 57 -15.50 29.43 -12.19
C GLU A 57 -14.15 30.13 -12.42
N SER A 58 -13.37 30.29 -11.35
CA SER A 58 -12.02 30.85 -11.43
C SER A 58 -10.97 29.83 -11.94
N ALA A 59 -11.41 28.59 -12.19
CA ALA A 59 -10.50 27.50 -12.58
C ALA A 59 -10.05 27.61 -14.04
N SER A 60 -8.78 27.27 -14.28
CA SER A 60 -8.24 27.24 -15.64
C SER A 60 -8.76 26.00 -16.36
N LEU A 61 -8.52 25.93 -17.67
CA LEU A 61 -8.86 24.75 -18.46
C LEU A 61 -8.09 23.51 -17.98
N ARG A 62 -6.84 23.71 -17.58
CA ARG A 62 -5.98 22.63 -17.08
C ARG A 62 -6.45 22.11 -15.73
N GLU A 63 -6.93 23.03 -14.89
CA GLU A 63 -7.50 22.67 -13.59
C GLU A 63 -8.79 21.86 -13.76
N ARG A 64 -9.59 22.20 -14.78
CA ARG A 64 -10.77 21.43 -15.15
C ARG A 64 -10.41 20.02 -15.62
N ILE A 65 -9.33 19.91 -16.39
CA ILE A 65 -8.81 18.60 -16.81
C ILE A 65 -8.41 17.77 -15.58
N GLU A 66 -7.58 18.36 -14.72
CA GLU A 66 -7.15 17.73 -13.47
C GLU A 66 -8.34 17.28 -12.61
N PHE A 67 -9.37 18.14 -12.53
CA PHE A 67 -10.61 17.83 -11.81
C PHE A 67 -11.29 16.57 -12.35
N LEU A 68 -11.47 16.52 -13.68
CA LEU A 68 -12.10 15.38 -14.33
C LEU A 68 -11.26 14.11 -14.21
N ASN A 69 -9.94 14.24 -14.31
CA ASN A 69 -9.06 13.10 -14.17
C ASN A 69 -9.07 12.53 -12.74
N GLU A 70 -9.14 13.42 -11.75
CA GLU A 70 -9.26 13.00 -10.35
C GLU A 70 -10.60 12.33 -10.09
N ALA A 71 -11.68 12.88 -10.65
CA ALA A 71 -13.00 12.28 -10.51
C ALA A 71 -13.12 10.92 -11.18
N SER A 72 -12.41 10.75 -12.31
CA SER A 72 -12.50 9.54 -13.14
C SER A 72 -11.92 8.30 -12.48
N VAL A 73 -11.14 8.51 -11.41
CA VAL A 73 -10.60 7.42 -10.60
C VAL A 73 -11.73 6.46 -10.16
N MET A 74 -12.93 7.00 -9.97
CA MET A 74 -14.07 6.19 -9.51
C MET A 74 -14.82 5.41 -10.59
N LYS A 75 -14.47 5.60 -11.87
CA LYS A 75 -15.19 4.93 -12.96
C LYS A 75 -15.20 3.39 -12.84
N GLY A 76 -14.06 2.79 -12.50
CA GLY A 76 -13.97 1.33 -12.36
C GLY A 76 -14.80 0.66 -11.24
N PHE A 77 -15.28 1.46 -10.30
CA PHE A 77 -15.88 0.93 -9.06
C PHE A 77 -17.38 0.69 -9.07
N THR A 78 -17.78 -0.51 -8.65
CA THR A 78 -19.17 -0.89 -8.54
C THR A 78 -19.39 -1.62 -7.21
N CYS A 79 -19.78 -0.88 -6.18
CA CYS A 79 -20.00 -1.46 -4.85
C CYS A 79 -21.13 -0.74 -4.17
N HIS A 80 -22.00 -1.50 -3.50
CA HIS A 80 -23.15 -0.93 -2.78
C HIS A 80 -22.71 0.01 -1.67
N HIS A 81 -21.51 -0.22 -1.13
CA HIS A 81 -21.03 0.59 -0.01
C HIS A 81 -19.94 1.61 -0.41
N VAL A 82 -19.89 1.96 -1.69
CA VAL A 82 -19.09 3.09 -2.15
C VAL A 82 -20.01 3.96 -3.01
N VAL A 83 -20.02 5.26 -2.74
CA VAL A 83 -20.79 6.22 -3.54
C VAL A 83 -20.43 6.09 -5.02
N ARG A 84 -21.46 6.04 -5.86
CA ARG A 84 -21.30 5.74 -7.28
C ARG A 84 -21.21 6.99 -8.17
N LEU A 85 -20.24 6.98 -9.09
CA LEU A 85 -20.17 7.99 -10.17
C LEU A 85 -21.13 7.58 -11.26
N LEU A 86 -21.93 8.54 -11.74
CA LEU A 86 -23.00 8.28 -12.68
C LEU A 86 -22.78 8.84 -14.09
N GLY A 87 -22.07 9.97 -14.17
CA GLY A 87 -21.80 10.58 -15.48
C GLY A 87 -20.89 11.79 -15.41
N VAL A 88 -20.45 12.25 -16.58
CA VAL A 88 -19.53 13.37 -16.69
C VAL A 88 -19.98 14.28 -17.83
N VAL A 89 -19.96 15.59 -17.59
CA VAL A 89 -20.18 16.57 -18.64
C VAL A 89 -18.90 17.39 -18.82
N SER A 90 -18.09 17.03 -19.82
CA SER A 90 -16.79 17.66 -20.02
C SER A 90 -16.84 18.69 -21.15
N LYS A 91 -17.76 18.45 -22.09
CA LYS A 91 -18.01 19.36 -23.21
C LYS A 91 -18.60 20.67 -22.71
N GLY A 92 -18.13 21.78 -23.25
CA GLY A 92 -18.63 23.10 -22.85
C GLY A 92 -18.36 23.46 -21.41
N GLN A 93 -19.27 24.23 -20.83
CA GLN A 93 -19.12 24.79 -19.48
C GLN A 93 -20.49 25.02 -18.82
N PRO A 94 -20.58 24.87 -17.49
CA PRO A 94 -19.54 24.47 -16.54
C PRO A 94 -19.27 22.97 -16.55
N THR A 95 -18.05 22.58 -16.17
CA THR A 95 -17.65 21.20 -16.03
C THR A 95 -18.44 20.55 -14.88
N LEU A 96 -19.07 19.40 -15.16
CA LEU A 96 -19.89 18.68 -14.18
C LEU A 96 -19.50 17.22 -14.04
N VAL A 97 -19.66 16.69 -12.83
CA VAL A 97 -19.60 15.25 -12.60
C VAL A 97 -20.83 14.89 -11.78
N VAL A 98 -21.55 13.88 -12.24
CA VAL A 98 -22.84 13.51 -11.66
C VAL A 98 -22.64 12.26 -10.79
N MET A 99 -23.05 12.37 -9.52
CA MET A 99 -22.82 11.32 -8.53
C MET A 99 -24.13 10.86 -7.92
N GLU A 100 -24.12 9.65 -7.39
CA GLU A 100 -25.19 9.14 -6.55
C GLU A 100 -25.41 10.12 -5.39
N LEU A 101 -26.67 10.50 -5.17
CA LEU A 101 -27.03 11.44 -4.11
C LEU A 101 -27.04 10.74 -2.75
N MET A 102 -26.38 11.35 -1.76
CA MET A 102 -26.38 10.85 -0.40
C MET A 102 -27.10 11.86 0.48
N ALA A 103 -28.37 11.57 0.76
CA ALA A 103 -29.30 12.57 1.30
C ALA A 103 -28.93 13.18 2.65
N HIS A 104 -28.12 12.48 3.43
CA HIS A 104 -27.67 12.99 4.73
C HIS A 104 -26.22 13.45 4.73
N GLY A 105 -25.66 13.57 3.53
CA GLY A 105 -24.36 14.19 3.37
C GLY A 105 -23.23 13.41 3.98
N ASP A 106 -22.19 14.12 4.39
CA ASP A 106 -21.00 13.43 4.89
C ASP A 106 -21.19 13.05 6.35
N LEU A 107 -20.55 11.97 6.76
CA LEU A 107 -20.78 11.36 8.06
C LEU A 107 -20.29 12.21 9.22
N LYS A 108 -19.22 12.99 9.00
CA LYS A 108 -18.75 13.89 10.06
C LYS A 108 -19.80 14.95 10.40
N SER A 109 -20.27 15.65 9.37
CA SER A 109 -21.36 16.61 9.54
C SER A 109 -22.60 15.96 10.15
N TYR A 110 -22.94 14.78 9.65
CA TYR A 110 -24.07 14.03 10.16
C TYR A 110 -23.94 13.69 11.65
N LEU A 111 -22.82 13.08 12.03
CA LEU A 111 -22.56 12.77 13.44
C LEU A 111 -22.61 14.01 14.34
N ARG A 112 -22.07 15.13 13.85
CA ARG A 112 -22.07 16.36 14.64
C ARG A 112 -23.47 16.89 14.90
N SER A 113 -24.36 16.67 13.93
CA SER A 113 -25.77 17.07 14.05
C SER A 113 -26.52 16.27 15.13
N LEU A 114 -25.96 15.12 15.52
CA LEU A 114 -26.58 14.26 16.54
C LEU A 114 -26.18 14.62 17.97
N ARG A 115 -25.25 15.57 18.12
CA ARG A 115 -24.94 16.08 19.47
C ARG A 115 -26.18 16.73 20.06
N PRO A 116 -26.48 16.45 21.34
CA PRO A 116 -27.70 17.00 21.94
C PRO A 116 -27.80 18.53 21.79
N GLU A 117 -26.65 19.21 21.82
CA GLU A 117 -26.61 20.68 21.79
C GLU A 117 -26.62 21.30 20.38
N ALA A 118 -26.40 20.49 19.34
CA ALA A 118 -26.31 20.99 17.96
C ALA A 118 -27.53 21.78 17.51
N GLU A 119 -27.28 22.94 16.91
CA GLU A 119 -28.34 23.82 16.40
C GLU A 119 -29.14 23.17 15.27
N ASN A 120 -28.52 22.24 14.57
CA ASN A 120 -29.18 21.51 13.48
C ASN A 120 -29.56 20.07 13.82
N ASN A 121 -29.74 19.78 15.12
CA ASN A 121 -30.11 18.43 15.57
C ASN A 121 -31.40 17.95 14.89
N PRO A 122 -31.35 16.81 14.19
CA PRO A 122 -32.53 16.33 13.44
C PRO A 122 -33.58 15.61 14.29
N GLY A 123 -33.31 15.46 15.58
CA GLY A 123 -34.25 14.78 16.48
C GLY A 123 -33.88 13.33 16.69
N ARG A 124 -33.00 12.83 15.83
CA ARG A 124 -32.44 11.49 15.98
C ARG A 124 -31.43 11.50 17.12
N PRO A 125 -31.54 10.53 18.05
CA PRO A 125 -30.58 10.37 19.14
C PRO A 125 -29.23 9.85 18.60
N PRO A 126 -28.16 9.88 19.42
CA PRO A 126 -26.88 9.33 18.96
C PRO A 126 -27.00 7.85 18.61
N PRO A 127 -26.10 7.33 17.76
CA PRO A 127 -26.19 5.95 17.30
C PRO A 127 -26.21 4.93 18.43
N THR A 128 -27.09 3.94 18.33
CA THR A 128 -27.07 2.80 19.25
C THR A 128 -25.89 1.89 18.92
N LEU A 129 -25.58 0.93 19.79
CA LEU A 129 -24.55 -0.05 19.52
C LEU A 129 -24.82 -0.81 18.20
N GLN A 130 -26.05 -1.29 18.02
CA GLN A 130 -26.44 -1.98 16.78
C GLN A 130 -26.20 -1.10 15.54
N GLU A 131 -26.60 0.16 15.64
CA GLU A 131 -26.35 1.09 14.53
C GLU A 131 -24.87 1.30 14.26
N MET A 132 -24.04 1.34 15.30
CA MET A 132 -22.59 1.52 15.11
C MET A 132 -21.95 0.33 14.43
N ILE A 133 -22.34 -0.87 14.85
CA ILE A 133 -21.87 -2.11 14.20
C ILE A 133 -22.29 -2.14 12.73
N GLN A 134 -23.54 -1.77 12.45
CA GLN A 134 -24.02 -1.71 11.05
C GLN A 134 -23.18 -0.72 10.23
N MET A 135 -22.96 0.49 10.75
CA MET A 135 -22.11 1.47 10.06
C MET A 135 -20.70 0.94 9.84
N ALA A 136 -20.14 0.35 10.89
CA ALA A 136 -18.77 -0.19 10.83
C ALA A 136 -18.63 -1.24 9.70
N ALA A 137 -19.58 -2.15 9.63
CA ALA A 137 -19.58 -3.21 8.61
C ALA A 137 -19.73 -2.67 7.20
N GLU A 138 -20.56 -1.64 7.04
CA GLU A 138 -20.79 -1.03 5.73
C GLU A 138 -19.51 -0.33 5.26
N ILE A 139 -18.92 0.46 6.13
CA ILE A 139 -17.66 1.14 5.83
C ILE A 139 -16.56 0.12 5.54
N ALA A 140 -16.44 -0.90 6.37
CA ALA A 140 -15.42 -1.92 6.17
C ALA A 140 -15.63 -2.69 4.87
N ASP A 141 -16.90 -2.90 4.50
CA ASP A 141 -17.20 -3.62 3.25
C ASP A 141 -16.80 -2.81 2.01
N GLY A 142 -17.12 -1.51 2.01
CA GLY A 142 -16.72 -0.61 0.92
C GLY A 142 -15.19 -0.60 0.84
N MET A 143 -14.53 -0.53 1.99
CA MET A 143 -13.08 -0.52 2.03
C MET A 143 -12.50 -1.85 1.55
N ALA A 144 -13.14 -2.96 1.92
CA ALA A 144 -12.68 -4.27 1.46
C ALA A 144 -12.73 -4.34 -0.07
N TYR A 145 -13.81 -3.82 -0.63
CA TYR A 145 -13.98 -3.78 -2.07
C TYR A 145 -12.86 -2.96 -2.71
N LEU A 146 -12.60 -1.77 -2.20
CA LEU A 146 -11.58 -0.90 -2.76
C LEU A 146 -10.18 -1.52 -2.64
N ASN A 147 -9.85 -2.05 -1.46
CA ASN A 147 -8.58 -2.70 -1.24
C ASN A 147 -8.42 -3.94 -2.14
N ALA A 148 -9.52 -4.66 -2.42
CA ALA A 148 -9.46 -5.82 -3.33
C ALA A 148 -9.07 -5.41 -4.76
N LYS A 149 -9.44 -4.19 -5.13
CA LYS A 149 -9.04 -3.60 -6.42
C LYS A 149 -7.67 -2.93 -6.38
N LYS A 150 -6.92 -3.18 -5.30
CA LYS A 150 -5.59 -2.59 -5.09
C LYS A 150 -5.63 -1.06 -4.99
N PHE A 151 -6.75 -0.57 -4.50
CA PHE A 151 -6.90 0.86 -4.30
C PHE A 151 -6.67 1.17 -2.81
N VAL A 152 -5.72 2.04 -2.55
CA VAL A 152 -5.47 2.52 -1.18
C VAL A 152 -6.11 3.91 -1.07
N HIS A 153 -7.03 4.06 -0.12
CA HIS A 153 -7.84 5.27 -0.05
C HIS A 153 -7.00 6.50 0.37
N ARG A 154 -6.18 6.32 1.40
CA ARG A 154 -5.31 7.37 1.96
C ARG A 154 -5.99 8.44 2.80
N ASP A 155 -7.31 8.55 2.74
CA ASP A 155 -7.98 9.60 3.50
C ASP A 155 -9.31 9.11 4.07
N LEU A 156 -9.29 7.89 4.61
CA LEU A 156 -10.48 7.39 5.30
C LEU A 156 -10.70 8.18 6.60
N ALA A 157 -11.94 8.65 6.77
CA ALA A 157 -12.33 9.55 7.87
C ALA A 157 -13.84 9.70 7.78
N ALA A 158 -14.49 10.05 8.89
CA ALA A 158 -15.95 10.21 8.85
C ALA A 158 -16.37 11.23 7.78
N ARG A 159 -15.60 12.31 7.65
CA ARG A 159 -15.90 13.34 6.64
C ARG A 159 -15.86 12.79 5.21
N ASN A 160 -15.19 11.65 5.01
CA ASN A 160 -15.09 11.03 3.69
C ASN A 160 -15.92 9.75 3.57
N CYS A 161 -16.91 9.66 4.46
CA CYS A 161 -17.99 8.69 4.31
C CYS A 161 -19.24 9.51 4.13
N MET A 162 -20.24 8.93 3.48
CA MET A 162 -21.49 9.63 3.28
C MET A 162 -22.66 8.75 3.73
N VAL A 163 -23.80 9.40 3.97
CA VAL A 163 -24.96 8.76 4.57
C VAL A 163 -26.14 8.89 3.62
N ALA A 164 -26.70 7.75 3.21
CA ALA A 164 -27.74 7.74 2.16
C ALA A 164 -29.14 8.01 2.73
N HIS A 165 -30.12 8.13 1.85
CA HIS A 165 -31.52 8.35 2.25
C HIS A 165 -32.08 7.26 3.19
N ASP A 166 -31.56 6.04 3.10
CA ASP A 166 -32.04 4.96 3.97
C ASP A 166 -31.08 4.73 5.15
N PHE A 167 -30.20 5.70 5.38
CA PHE A 167 -29.22 5.70 6.47
C PHE A 167 -28.06 4.72 6.34
N THR A 168 -27.96 4.07 5.17
CA THR A 168 -26.77 3.31 4.81
C THR A 168 -25.57 4.26 4.79
N VAL A 169 -24.45 3.83 5.37
CA VAL A 169 -23.20 4.58 5.24
C VAL A 169 -22.36 3.97 4.11
N LYS A 170 -21.70 4.82 3.34
CA LYS A 170 -20.88 4.39 2.22
C LYS A 170 -19.58 5.17 2.23
N ILE A 171 -18.53 4.58 1.66
CA ILE A 171 -17.33 5.35 1.38
C ILE A 171 -17.75 6.48 0.44
N GLY A 172 -17.38 7.70 0.80
CA GLY A 172 -17.91 8.90 0.14
C GLY A 172 -17.27 9.13 -1.22
N ASP A 173 -17.90 9.98 -2.02
CA ASP A 173 -17.27 10.56 -3.22
C ASP A 173 -15.84 11.01 -2.83
N PHE A 174 -14.83 10.58 -3.59
CA PHE A 174 -13.43 10.76 -3.15
C PHE A 174 -12.95 12.22 -3.15
N GLY A 175 -12.25 12.61 -2.07
CA GLY A 175 -11.60 13.94 -1.94
C GLY A 175 -12.49 15.17 -2.00
N MET A 176 -13.62 15.12 -1.30
CA MET A 176 -14.64 16.17 -1.43
CA MET A 176 -14.68 16.12 -1.42
C MET A 176 -14.72 17.14 -0.24
N THR A 177 -14.01 16.84 0.85
CA THR A 177 -14.16 17.63 2.09
C THR A 177 -12.96 18.47 2.55
N ARG A 178 -12.02 18.75 1.66
CA ARG A 178 -10.84 19.57 2.03
C ARG A 178 -11.16 21.06 2.26
N ASP A 179 -12.38 21.50 1.94
CA ASP A 179 -12.78 22.90 2.22
C ASP A 179 -13.61 23.00 3.49
N ILE A 180 -14.70 22.23 3.57
CA ILE A 180 -15.56 22.27 4.75
C ILE A 180 -14.78 21.86 6.02
N TYR A 181 -13.86 20.91 5.87
CA TYR A 181 -13.06 20.43 6.99
C TYR A 181 -11.59 20.67 6.74
N GLU A 182 -11.27 21.87 6.26
CA GLU A 182 -9.86 22.26 6.00
C GLU A 182 -8.96 22.08 7.24
N THR A 183 -9.51 22.31 8.42
CA THR A 183 -8.69 22.18 9.64
C THR A 183 -8.34 20.72 9.98
N ASP A 184 -8.91 19.77 9.23
CA ASP A 184 -8.57 18.33 9.40
C ASP A 184 -7.29 17.96 8.66
N TYR A 185 -6.70 18.95 7.98
CA TYR A 185 -5.53 18.72 7.13
C TYR A 185 -4.38 19.66 7.49
N TYR A 186 -3.18 19.11 7.46
CA TYR A 186 -1.94 19.83 7.74
C TYR A 186 -1.16 19.85 6.43
N ARG A 187 -0.95 21.02 5.85
CA ARG A 187 -0.24 21.07 4.57
C ARG A 187 1.25 20.97 4.85
N LYS A 188 1.91 19.99 4.21
CA LYS A 188 3.32 19.81 4.39
C LYS A 188 3.96 19.78 2.99
N GLY A 189 4.64 20.86 2.63
CA GLY A 189 5.23 21.00 1.32
C GLY A 189 6.00 19.78 0.84
N GLY A 190 5.62 19.29 -0.33
CA GLY A 190 6.17 18.08 -0.92
C GLY A 190 5.17 16.94 -0.79
N LYS A 191 4.42 16.95 0.30
CA LYS A 191 3.49 15.88 0.62
C LYS A 191 2.03 16.29 0.47
N GLY A 192 1.78 17.59 0.31
CA GLY A 192 0.42 18.11 0.16
C GLY A 192 -0.35 18.12 1.47
N LEU A 193 -1.67 18.03 1.37
CA LEU A 193 -2.53 18.03 2.58
C LEU A 193 -2.51 16.67 3.26
N LEU A 194 -2.09 16.68 4.52
CA LEU A 194 -2.01 15.47 5.34
C LEU A 194 -3.07 15.45 6.44
N PRO A 195 -3.94 14.43 6.44
CA PRO A 195 -4.92 14.32 7.53
C PRO A 195 -4.23 13.68 8.75
N VAL A 196 -3.31 14.42 9.39
CA VAL A 196 -2.40 13.82 10.38
C VAL A 196 -3.12 13.12 11.55
N ARG A 197 -4.30 13.64 11.95
CA ARG A 197 -5.05 13.04 13.08
C ARG A 197 -5.67 11.69 12.75
N TRP A 198 -5.67 11.34 11.46
CA TRP A 198 -6.21 10.07 10.97
C TRP A 198 -5.12 9.09 10.50
N MET A 199 -3.87 9.55 10.45
CA MET A 199 -2.81 8.80 9.75
C MET A 199 -2.07 7.80 10.64
N ALA A 200 -1.61 6.71 10.03
CA ALA A 200 -0.87 5.67 10.75
C ALA A 200 0.56 6.19 11.03
N PRO A 201 1.24 5.65 12.08
CA PRO A 201 2.61 6.12 12.38
C PRO A 201 3.58 6.01 11.22
N GLU A 202 3.54 4.90 10.46
CA GLU A 202 4.48 4.73 9.35
C GLU A 202 4.16 5.69 8.18
N SER A 203 2.91 6.10 8.04
CA SER A 203 2.53 7.10 7.03
C SER A 203 3.08 8.45 7.42
N LEU A 204 2.96 8.79 8.70
CA LEU A 204 3.54 10.03 9.23
C LEU A 204 5.06 10.06 9.10
N LYS A 205 5.68 8.92 9.41
CA LYS A 205 7.13 8.83 9.40
C LYS A 205 7.73 8.75 8.00
N ASP A 206 7.15 7.89 7.17
CA ASP A 206 7.79 7.53 5.91
C ASP A 206 7.05 7.92 4.65
N GLY A 207 5.89 8.56 4.81
CA GLY A 207 5.03 8.94 3.69
C GLY A 207 4.50 7.74 2.93
N VAL A 208 4.31 6.63 3.65
CA VAL A 208 3.85 5.38 3.10
C VAL A 208 2.38 5.15 3.40
N PHE A 209 1.57 4.94 2.35
CA PHE A 209 0.16 4.60 2.53
C PHE A 209 -0.12 3.22 1.98
N THR A 210 -0.78 2.40 2.78
CA THR A 210 -1.08 1.02 2.40
C THR A 210 -2.48 0.68 2.86
N THR A 211 -2.95 -0.50 2.52
CA THR A 211 -4.23 -0.92 3.03
C THR A 211 -4.19 -1.00 4.56
N SER A 212 -3.02 -1.32 5.12
CA SER A 212 -2.86 -1.39 6.57
CA SER A 212 -2.85 -1.39 6.57
C SER A 212 -2.98 0.00 7.22
N SER A 213 -2.57 1.04 6.49
CA SER A 213 -2.77 2.39 7.06
C SER A 213 -4.22 2.88 6.84
N ASP A 214 -4.90 2.38 5.82
CA ASP A 214 -6.35 2.59 5.69
C ASP A 214 -7.06 1.98 6.90
N MET A 215 -6.58 0.82 7.36
CA MET A 215 -7.13 0.17 8.55
C MET A 215 -6.92 1.03 9.80
N TRP A 216 -5.72 1.60 9.96
CA TRP A 216 -5.50 2.57 11.06
C TRP A 216 -6.62 3.64 11.05
N SER A 217 -6.82 4.26 9.88
CA SER A 217 -7.82 5.32 9.75
C SER A 217 -9.23 4.84 10.04
N PHE A 218 -9.53 3.60 9.67
CA PHE A 218 -10.83 3.01 9.98
C PHE A 218 -11.06 3.03 11.48
N GLY A 219 -10.02 2.69 12.25
CA GLY A 219 -10.06 2.80 13.71
C GLY A 219 -10.49 4.20 14.14
N VAL A 220 -9.90 5.21 13.51
CA VAL A 220 -10.26 6.59 13.85
C VAL A 220 -11.71 6.90 13.48
N VAL A 221 -12.19 6.34 12.36
CA VAL A 221 -13.62 6.53 12.00
C VAL A 221 -14.51 5.96 13.08
N LEU A 222 -14.16 4.79 13.60
CA LEU A 222 -14.93 4.20 14.70
C LEU A 222 -14.92 5.12 15.91
N TRP A 223 -13.74 5.69 16.20
CA TRP A 223 -13.62 6.67 17.28
C TRP A 223 -14.55 7.88 17.06
N GLU A 224 -14.63 8.37 15.82
CA GLU A 224 -15.50 9.52 15.50
C GLU A 224 -16.97 9.14 15.71
N ILE A 225 -17.34 7.94 15.29
CA ILE A 225 -18.71 7.46 15.50
C ILE A 225 -19.05 7.48 17.00
N THR A 226 -18.13 6.97 17.82
CA THR A 226 -18.39 6.89 19.26
C THR A 226 -18.21 8.22 20.02
N SER A 227 -17.62 9.23 19.37
CA SER A 227 -17.42 10.56 19.99
C SER A 227 -18.31 11.66 19.36
N LEU A 228 -19.18 11.24 18.43
CA LEU A 228 -19.92 12.18 17.55
C LEU A 228 -18.99 13.20 16.89
N ALA A 229 -17.88 12.67 16.38
CA ALA A 229 -16.97 13.39 15.50
C ALA A 229 -16.29 14.60 16.16
N GLU A 230 -15.82 14.39 17.39
CA GLU A 230 -14.91 15.34 18.00
C GLU A 230 -13.63 15.32 17.15
N GLN A 231 -12.80 16.36 17.29
CA GLN A 231 -11.47 16.36 16.68
C GLN A 231 -10.62 15.34 17.44
N PRO A 232 -9.98 14.39 16.75
CA PRO A 232 -9.05 13.50 17.44
C PRO A 232 -7.88 14.29 18.01
N TYR A 233 -7.45 13.94 19.23
CA TYR A 233 -6.37 14.65 19.93
C TYR A 233 -6.63 16.17 20.01
N GLN A 234 -7.87 16.54 20.32
CA GLN A 234 -8.25 17.94 20.45
C GLN A 234 -7.27 18.63 21.39
N GLY A 235 -6.72 19.76 21.00
CA GLY A 235 -5.82 20.43 21.94
C GLY A 235 -4.38 19.98 21.84
N LEU A 236 -4.08 19.05 20.94
CA LEU A 236 -2.73 18.91 20.40
C LEU A 236 -2.69 19.58 19.05
N SER A 237 -1.59 20.24 18.75
CA SER A 237 -1.38 20.84 17.41
C SER A 237 -1.06 19.75 16.40
N ASN A 238 -1.08 20.12 15.12
CA ASN A 238 -0.74 19.17 14.06
C ASN A 238 0.65 18.55 14.24
N GLU A 239 1.64 19.37 14.56
CA GLU A 239 3.00 18.86 14.76
C GLU A 239 3.09 17.99 16.02
N GLN A 240 2.33 18.35 17.05
CA GLN A 240 2.30 17.51 18.24
C GLN A 240 1.68 16.14 17.99
N VAL A 241 0.59 16.12 17.21
CA VAL A 241 -0.07 14.87 16.84
C VAL A 241 0.87 13.96 16.05
N LEU A 242 1.56 14.53 15.07
CA LEU A 242 2.46 13.75 14.22
C LEU A 242 3.54 13.02 15.06
N LYS A 243 4.15 13.74 16.00
CA LYS A 243 5.15 13.17 16.87
C LYS A 243 4.53 12.17 17.85
N PHE A 244 3.39 12.54 18.44
CA PHE A 244 2.70 11.68 19.42
C PHE A 244 2.43 10.28 18.84
N VAL A 245 1.88 10.24 17.63
CA VAL A 245 1.52 8.98 16.99
C VAL A 245 2.77 8.23 16.49
N MET A 246 3.73 8.94 15.93
CA MET A 246 4.98 8.26 15.53
C MET A 246 5.69 7.61 16.70
N ASP A 247 5.54 8.21 17.88
CA ASP A 247 6.21 7.72 19.09
C ASP A 247 5.42 6.59 19.75
N GLY A 248 4.31 6.20 19.14
CA GLY A 248 3.51 5.09 19.66
C GLY A 248 2.20 5.45 20.35
N GLY A 249 1.81 6.72 20.31
CA GLY A 249 0.53 7.13 20.87
C GLY A 249 -0.65 6.75 20.00
N TYR A 250 -1.83 6.66 20.61
CA TYR A 250 -3.07 6.47 19.86
C TYR A 250 -4.20 6.99 20.72
N LEU A 251 -5.39 7.06 20.16
CA LEU A 251 -6.52 7.66 20.82
C LEU A 251 -7.06 6.84 21.99
N ASP A 252 -7.39 7.54 23.07
CA ASP A 252 -8.15 7.00 24.18
C ASP A 252 -9.61 6.91 23.74
N GLN A 253 -10.29 5.83 24.14
CA GLN A 253 -11.72 5.64 23.88
C GLN A 253 -12.55 6.81 24.46
N PRO A 254 -13.59 7.24 23.71
CA PRO A 254 -14.52 8.23 24.19
C PRO A 254 -15.30 7.71 25.39
N ASP A 255 -15.93 8.60 26.14
CA ASP A 255 -16.71 8.21 27.29
C ASP A 255 -17.85 7.30 26.84
N ASN A 256 -18.14 6.29 27.65
CA ASN A 256 -19.23 5.35 27.37
C ASN A 256 -19.10 4.58 26.05
N CYS A 257 -17.85 4.40 25.59
CA CYS A 257 -17.63 3.67 24.33
C CYS A 257 -17.93 2.17 24.54
N PRO A 258 -18.77 1.58 23.67
CA PRO A 258 -19.06 0.16 23.81
C PRO A 258 -17.82 -0.70 23.61
N GLU A 259 -17.67 -1.71 24.46
CA GLU A 259 -16.47 -2.55 24.50
C GLU A 259 -16.10 -3.19 23.15
N ARG A 260 -17.11 -3.67 22.43
CA ARG A 260 -16.89 -4.29 21.12
C ARG A 260 -16.23 -3.31 20.14
N VAL A 261 -16.64 -2.04 20.21
CA VAL A 261 -16.10 -1.02 19.31
C VAL A 261 -14.70 -0.61 19.77
N THR A 262 -14.48 -0.52 21.08
CA THR A 262 -13.14 -0.27 21.63
C THR A 262 -12.14 -1.32 21.13
N ASP A 263 -12.53 -2.59 21.20
CA ASP A 263 -11.67 -3.70 20.79
C ASP A 263 -11.33 -3.60 19.29
N LEU A 264 -12.29 -3.17 18.47
CA LEU A 264 -12.00 -2.96 17.05
C LEU A 264 -10.92 -1.89 16.85
N MET A 265 -11.06 -0.77 17.57
CA MET A 265 -10.07 0.32 17.48
C MET A 265 -8.67 -0.16 17.89
N ARG A 266 -8.61 -0.94 18.96
CA ARG A 266 -7.33 -1.43 19.44
C ARG A 266 -6.61 -2.30 18.42
N MET A 267 -7.38 -3.13 17.70
CA MET A 267 -6.82 -3.91 16.59
C MET A 267 -6.28 -3.04 15.47
N CYS A 268 -7.01 -1.95 15.15
CA CYS A 268 -6.62 -1.04 14.08
C CYS A 268 -5.34 -0.28 14.39
N TRP A 269 -5.06 -0.09 15.69
CA TRP A 269 -3.97 0.81 16.07
C TRP A 269 -2.73 0.11 16.59
N GLN A 270 -2.56 -1.15 16.18
CA GLN A 270 -1.32 -1.86 16.44
C GLN A 270 -0.22 -1.14 15.68
N PHE A 271 0.94 -0.98 16.32
CA PHE A 271 2.01 -0.18 15.74
C PHE A 271 2.55 -0.84 14.48
N ASN A 272 2.72 -2.16 14.53
CA ASN A 272 3.29 -2.88 13.38
C ASN A 272 2.16 -3.11 12.36
N PRO A 273 2.28 -2.54 11.14
CA PRO A 273 1.11 -2.57 10.25
C PRO A 273 0.74 -3.99 9.79
N ASN A 274 1.71 -4.90 9.73
CA ASN A 274 1.44 -6.30 9.35
C ASN A 274 0.54 -7.03 10.36
N MET A 275 0.38 -6.44 11.54
CA MET A 275 -0.40 -7.07 12.60
CA MET A 275 -0.39 -7.03 12.64
C MET A 275 -1.84 -6.61 12.62
N ARG A 276 -2.15 -5.56 11.85
CA ARG A 276 -3.51 -5.04 11.78
C ARG A 276 -4.38 -5.99 10.96
N PRO A 277 -5.70 -6.04 11.28
CA PRO A 277 -6.59 -6.88 10.48
C PRO A 277 -6.85 -6.30 9.10
N THR A 278 -7.39 -7.13 8.23
CA THR A 278 -7.82 -6.65 6.92
C THR A 278 -9.28 -6.25 7.03
N PHE A 279 -9.76 -5.47 6.06
CA PHE A 279 -11.17 -5.11 6.04
C PHE A 279 -12.12 -6.30 5.96
N LEU A 280 -11.76 -7.32 5.20
CA LEU A 280 -12.57 -8.55 5.13
C LEU A 280 -12.67 -9.21 6.51
N GLU A 281 -11.56 -9.21 7.24
CA GLU A 281 -11.57 -9.75 8.60
C GLU A 281 -12.50 -8.94 9.51
N ILE A 282 -12.53 -7.62 9.34
CA ILE A 282 -13.48 -6.82 10.11
C ILE A 282 -14.93 -7.20 9.78
N VAL A 283 -15.27 -7.26 8.49
CA VAL A 283 -16.65 -7.67 8.14
C VAL A 283 -16.97 -9.08 8.68
N ASN A 284 -16.01 -9.99 8.62
CA ASN A 284 -16.22 -11.34 9.15
C ASN A 284 -16.58 -11.33 10.64
N LEU A 285 -15.94 -10.44 11.39
CA LEU A 285 -16.19 -10.33 12.83
C LEU A 285 -17.60 -9.82 13.12
N LEU A 286 -18.13 -9.03 12.19
CA LEU A 286 -19.39 -8.35 12.40
C LEU A 286 -20.60 -8.99 11.71
N LYS A 287 -20.36 -9.99 10.86
CA LYS A 287 -21.37 -10.49 9.90
C LYS A 287 -22.69 -11.03 10.49
N ASP A 288 -22.62 -11.60 11.69
CA ASP A 288 -23.81 -12.24 12.29
C ASP A 288 -24.72 -11.24 12.99
N ASP A 289 -24.29 -9.99 13.00
CA ASP A 289 -24.98 -8.92 13.74
C ASP A 289 -25.43 -7.75 12.85
N LEU A 290 -25.95 -8.07 11.67
CA LEU A 290 -26.31 -7.05 10.65
C LEU A 290 -27.73 -7.18 10.11
N HIS A 291 -28.20 -6.14 9.42
CA HIS A 291 -29.50 -6.17 8.74
C HIS A 291 -29.57 -7.33 7.75
N PRO A 292 -30.77 -7.94 7.60
CA PRO A 292 -30.92 -9.04 6.64
C PRO A 292 -30.51 -8.70 5.21
N SER A 293 -30.57 -7.43 4.82
CA SER A 293 -30.18 -7.06 3.46
C SER A 293 -28.67 -7.18 3.17
N PHE A 294 -27.85 -7.20 4.23
CA PHE A 294 -26.39 -7.11 4.05
C PHE A 294 -25.78 -8.17 3.11
N PRO A 295 -26.09 -9.47 3.30
CA PRO A 295 -25.51 -10.45 2.35
C PRO A 295 -25.95 -10.30 0.90
N GLU A 296 -27.12 -9.67 0.66
CA GLU A 296 -27.64 -9.44 -0.69
CA GLU A 296 -27.60 -9.46 -0.69
C GLU A 296 -26.85 -8.36 -1.43
N VAL A 297 -26.30 -7.41 -0.68
CA VAL A 297 -25.64 -6.24 -1.26
C VAL A 297 -24.13 -6.15 -1.05
N SER A 298 -23.58 -6.92 -0.11
CA SER A 298 -22.18 -6.71 0.28
C SER A 298 -21.17 -7.27 -0.71
N PHE A 299 -20.01 -6.64 -0.75
CA PHE A 299 -18.84 -7.19 -1.43
C PHE A 299 -18.41 -8.49 -0.72
N PHE A 300 -18.37 -8.44 0.61
CA PHE A 300 -17.93 -9.57 1.45
C PHE A 300 -18.61 -10.90 1.05
N HIS A 301 -19.92 -10.86 0.84
CA HIS A 301 -20.71 -12.07 0.52
C HIS A 301 -20.78 -12.39 -0.97
N SER A 302 -20.20 -11.53 -1.81
CA SER A 302 -20.32 -11.64 -3.26
C SER A 302 -19.37 -12.68 -3.86
N GLU A 303 -19.68 -13.15 -5.07
CA GLU A 303 -18.77 -14.08 -5.78
C GLU A 303 -17.48 -13.35 -6.18
N GLU A 304 -17.55 -12.02 -6.26
CA GLU A 304 -16.40 -11.18 -6.61
C GLU A 304 -15.30 -11.25 -5.55
N ASN A 305 -15.68 -11.54 -4.31
CA ASN A 305 -14.70 -11.67 -3.23
C ASN A 305 -14.00 -13.02 -3.29
N ASP B 10 15.56 -15.91 25.07
CA ASP B 10 15.08 -16.23 23.70
C ASP B 10 15.79 -17.45 23.11
N GLU B 11 15.03 -18.29 22.40
CA GLU B 11 15.58 -19.49 21.76
C GLU B 11 16.45 -19.16 20.53
N TRP B 12 16.54 -17.89 20.18
CA TRP B 12 17.37 -17.43 19.05
C TRP B 12 18.82 -17.20 19.44
N GLU B 13 19.07 -17.14 20.75
CA GLU B 13 20.39 -16.83 21.29
C GLU B 13 21.42 -17.89 20.92
N VAL B 14 22.57 -17.42 20.45
CA VAL B 14 23.73 -18.27 20.17
C VAL B 14 24.85 -17.73 21.04
N SER B 15 25.58 -18.61 21.73
CA SER B 15 26.74 -18.17 22.50
C SER B 15 27.85 -17.64 21.59
N ARG B 16 28.39 -16.49 21.96
CA ARG B 16 29.37 -15.73 21.17
C ARG B 16 30.57 -16.54 20.66
N GLU B 17 31.06 -17.46 21.48
CA GLU B 17 32.28 -18.21 21.16
C GLU B 17 32.11 -19.23 20.03
N LYS B 18 30.86 -19.50 19.66
CA LYS B 18 30.52 -20.35 18.51
C LYS B 18 30.76 -19.64 17.16
N ILE B 19 30.86 -18.32 17.19
CA ILE B 19 31.02 -17.52 15.97
C ILE B 19 32.46 -17.05 15.79
N THR B 20 33.00 -17.29 14.60
CA THR B 20 34.31 -16.75 14.20
C THR B 20 34.16 -15.98 12.89
N LEU B 21 34.58 -14.72 12.88
CA LEU B 21 34.61 -13.90 11.67
C LEU B 21 35.74 -14.36 10.77
N LEU B 22 35.49 -14.38 9.46
CA LEU B 22 36.47 -14.87 8.49
C LEU B 22 36.92 -13.79 7.51
N ARG B 23 35.99 -12.95 7.10
CA ARG B 23 36.30 -11.81 6.23
C ARG B 23 35.18 -10.78 6.27
N GLU B 24 35.56 -9.53 6.03
CA GLU B 24 34.59 -8.48 5.72
C GLU B 24 33.91 -8.78 4.39
N LEU B 25 32.59 -8.58 4.35
CA LEU B 25 31.82 -8.67 3.13
C LEU B 25 31.48 -7.28 2.62
N GLY B 26 31.32 -6.34 3.54
CA GLY B 26 30.93 -4.98 3.18
C GLY B 26 30.11 -4.31 4.25
N GLN B 27 29.97 -3.00 4.15
CA GLN B 27 29.17 -2.24 5.11
C GLN B 27 27.68 -2.48 4.94
N GLY B 28 27.02 -2.83 6.03
CA GLY B 28 25.56 -2.90 6.07
C GLY B 28 24.99 -1.59 6.58
N SER B 29 23.70 -1.59 6.88
CA SER B 29 23.04 -0.39 7.35
C SER B 29 23.54 0.08 8.73
N PHE B 30 23.86 -0.87 9.63
CA PHE B 30 24.31 -0.57 10.99
C PHE B 30 25.81 -0.74 11.28
N GLY B 31 26.52 -1.44 10.39
CA GLY B 31 27.96 -1.66 10.57
C GLY B 31 28.47 -2.74 9.65
N MET B 32 29.73 -3.13 9.81
CA MET B 32 30.37 -4.11 8.91
C MET B 32 29.68 -5.48 8.97
N VAL B 33 29.50 -6.10 7.80
CA VAL B 33 29.01 -7.47 7.70
C VAL B 33 30.18 -8.37 7.33
N TYR B 34 30.26 -9.52 7.98
CA TYR B 34 31.35 -10.46 7.77
C TYR B 34 30.82 -11.80 7.30
N GLU B 35 31.66 -12.55 6.57
CA GLU B 35 31.44 -13.98 6.48
C GLU B 35 31.99 -14.60 7.73
N GLY B 36 31.22 -15.51 8.32
CA GLY B 36 31.64 -16.16 9.53
C GLY B 36 31.52 -17.66 9.47
N ASN B 37 32.09 -18.30 10.48
CA ASN B 37 31.86 -19.71 10.71
C ASN B 37 31.15 -19.84 12.05
N ALA B 38 30.03 -20.56 12.03
CA ALA B 38 29.24 -20.79 13.23
C ALA B 38 29.21 -22.28 13.59
N ARG B 39 29.66 -22.60 14.80
CA ARG B 39 29.57 -23.95 15.34
C ARG B 39 28.18 -24.21 15.92
N ASP B 40 27.60 -25.37 15.59
CA ASP B 40 26.32 -25.81 16.17
C ASP B 40 25.23 -24.75 16.18
N ILE B 41 24.92 -24.20 15.00
CA ILE B 41 23.85 -23.22 14.84
C ILE B 41 22.60 -23.81 14.19
N ILE B 42 22.79 -24.78 13.29
CA ILE B 42 21.69 -25.48 12.63
C ILE B 42 21.65 -26.94 13.07
N LYS B 43 20.46 -27.41 13.41
CA LYS B 43 20.25 -28.79 13.87
C LYS B 43 20.75 -29.81 12.85
N GLY B 44 21.64 -30.69 13.30
CA GLY B 44 22.21 -31.73 12.45
C GLY B 44 23.30 -31.21 11.52
N GLU B 45 24.09 -30.27 12.02
CA GLU B 45 25.13 -29.61 11.23
C GLU B 45 26.19 -29.10 12.19
N ALA B 46 27.41 -29.64 12.08
CA ALA B 46 28.50 -29.32 13.01
C ALA B 46 28.95 -27.86 12.90
N GLU B 47 29.18 -27.42 11.66
CA GLU B 47 29.61 -26.05 11.37
C GLU B 47 28.88 -25.49 10.15
N THR B 48 28.63 -24.19 10.17
CA THR B 48 27.91 -23.53 9.09
C THR B 48 28.55 -22.20 8.76
N ARG B 49 28.87 -21.99 7.48
CA ARG B 49 29.27 -20.69 6.99
C ARG B 49 28.04 -19.77 7.03
N VAL B 50 28.20 -18.59 7.61
CA VAL B 50 27.09 -17.66 7.88
C VAL B 50 27.51 -16.23 7.53
N ALA B 51 26.54 -15.32 7.52
CA ALA B 51 26.86 -13.89 7.46
C ALA B 51 26.65 -13.36 8.87
N VAL B 52 27.60 -12.59 9.36
CA VAL B 52 27.50 -12.02 10.70
C VAL B 52 27.42 -10.49 10.60
N LYS B 53 26.33 -9.92 11.11
CA LYS B 53 26.12 -8.48 11.09
C LYS B 53 26.54 -7.89 12.42
N THR B 54 27.28 -6.79 12.35
CA THR B 54 27.78 -6.11 13.55
C THR B 54 27.27 -4.70 13.58
N VAL B 55 27.34 -4.08 14.75
CA VAL B 55 26.99 -2.67 14.86
C VAL B 55 28.28 -1.85 15.04
N ASN B 56 28.33 -0.74 14.30
CA ASN B 56 29.44 0.21 14.32
C ASN B 56 29.77 0.65 15.74
N GLU B 57 31.06 0.82 16.01
CA GLU B 57 31.51 1.23 17.35
C GLU B 57 30.93 2.58 17.79
N SER B 58 30.54 3.40 16.80
CA SER B 58 30.01 4.74 17.05
C SER B 58 28.50 4.78 17.34
N ALA B 59 27.80 3.69 17.08
CA ALA B 59 26.34 3.65 17.20
C ALA B 59 25.83 4.08 18.58
N SER B 60 24.72 4.81 18.58
CA SER B 60 24.08 5.23 19.82
C SER B 60 23.35 4.04 20.42
N LEU B 61 22.99 4.13 21.69
CA LEU B 61 22.21 3.06 22.32
C LEU B 61 20.88 2.87 21.59
N ARG B 62 20.26 3.96 21.15
CA ARG B 62 19.03 3.87 20.36
C ARG B 62 19.30 3.11 19.06
N GLU B 63 20.40 3.42 18.37
CA GLU B 63 20.74 2.73 17.12
C GLU B 63 20.94 1.24 17.34
N ARG B 64 21.55 0.90 18.48
CA ARG B 64 21.75 -0.48 18.88
C ARG B 64 20.44 -1.23 19.17
N ILE B 65 19.45 -0.56 19.77
CA ILE B 65 18.12 -1.19 19.91
C ILE B 65 17.44 -1.35 18.55
N GLU B 66 17.58 -0.33 17.68
CA GLU B 66 17.02 -0.38 16.33
C GLU B 66 17.58 -1.56 15.55
N PHE B 67 18.89 -1.79 15.69
CA PHE B 67 19.59 -2.88 15.03
C PHE B 67 19.00 -4.24 15.43
N LEU B 68 18.79 -4.43 16.74
CA LEU B 68 18.15 -5.65 17.24
C LEU B 68 16.68 -5.75 16.86
N ASN B 69 15.96 -4.62 16.95
CA ASN B 69 14.53 -4.59 16.57
C ASN B 69 14.33 -4.92 15.09
N GLU B 70 15.21 -4.39 14.24
CA GLU B 70 15.21 -4.66 12.80
C GLU B 70 15.36 -6.16 12.57
N ALA B 71 16.23 -6.80 13.35
CA ALA B 71 16.43 -8.25 13.30
C ALA B 71 15.21 -9.03 13.80
N SER B 72 14.50 -8.46 14.77
CA SER B 72 13.26 -9.06 15.28
C SER B 72 12.21 -9.25 14.18
N VAL B 73 12.28 -8.40 13.15
CA VAL B 73 11.38 -8.50 12.00
C VAL B 73 11.63 -9.81 11.22
N MET B 74 12.90 -10.10 10.94
CA MET B 74 13.31 -11.29 10.19
C MET B 74 12.99 -12.59 10.97
N LYS B 75 12.81 -12.49 12.28
CA LYS B 75 12.51 -13.65 13.13
C LYS B 75 11.18 -14.32 12.76
N GLY B 76 10.27 -13.52 12.20
CA GLY B 76 8.94 -14.00 11.87
C GLY B 76 8.89 -14.87 10.62
N PHE B 77 9.99 -14.91 9.86
CA PHE B 77 9.96 -15.51 8.52
C PHE B 77 10.68 -16.86 8.46
N THR B 78 10.00 -17.84 7.86
CA THR B 78 10.55 -19.15 7.57
C THR B 78 10.16 -19.47 6.13
N CYS B 79 10.92 -18.95 5.19
CA CYS B 79 10.71 -19.21 3.78
C CYS B 79 12.05 -19.49 3.11
N HIS B 80 12.09 -20.53 2.30
CA HIS B 80 13.33 -20.87 1.60
C HIS B 80 13.77 -19.75 0.65
N HIS B 81 12.85 -18.90 0.24
CA HIS B 81 13.17 -17.88 -0.77
C HIS B 81 13.21 -16.47 -0.18
N VAL B 82 13.42 -16.43 1.14
CA VAL B 82 13.72 -15.18 1.84
C VAL B 82 14.91 -15.46 2.75
N VAL B 83 15.93 -14.63 2.66
CA VAL B 83 17.14 -14.82 3.49
C VAL B 83 16.78 -14.93 4.97
N ARG B 84 17.25 -15.99 5.64
CA ARG B 84 16.81 -16.29 6.99
C ARG B 84 17.78 -15.84 8.07
N LEU B 85 17.20 -15.41 9.19
CA LEU B 85 17.92 -15.17 10.43
C LEU B 85 18.23 -16.50 11.09
N LEU B 86 19.47 -16.67 11.53
CA LEU B 86 19.89 -17.93 12.16
C LEU B 86 20.05 -17.80 13.67
N GLY B 87 20.45 -16.63 14.13
CA GLY B 87 20.69 -16.45 15.56
C GLY B 87 21.04 -15.02 15.92
N VAL B 88 21.02 -14.73 17.22
CA VAL B 88 21.37 -13.41 17.70
C VAL B 88 22.26 -13.60 18.92
N VAL B 89 23.40 -12.92 18.93
CA VAL B 89 24.24 -12.81 20.12
C VAL B 89 23.80 -11.55 20.86
N SER B 90 23.12 -11.74 22.01
CA SER B 90 22.70 -10.63 22.85
C SER B 90 23.76 -10.34 23.92
N PRO B 94 28.83 -6.43 22.46
CA PRO B 94 28.64 -6.12 21.04
C PRO B 94 27.70 -7.11 20.35
N THR B 95 26.47 -6.69 20.08
CA THR B 95 25.46 -7.56 19.51
C THR B 95 25.84 -8.07 18.12
N LEU B 96 25.61 -9.36 17.89
CA LEU B 96 25.82 -9.97 16.58
C LEU B 96 24.52 -10.57 16.08
N VAL B 97 24.22 -10.35 14.82
CA VAL B 97 23.05 -10.97 14.20
C VAL B 97 23.57 -11.87 13.10
N VAL B 98 23.23 -13.14 13.22
CA VAL B 98 23.76 -14.18 12.35
C VAL B 98 22.69 -14.55 11.33
N MET B 99 23.01 -14.35 10.05
CA MET B 99 22.12 -14.64 8.93
C MET B 99 22.65 -15.81 8.12
N GLU B 100 21.76 -16.47 7.39
CA GLU B 100 22.23 -17.41 6.39
C GLU B 100 23.12 -16.68 5.39
N LEU B 101 24.23 -17.33 5.03
CA LEU B 101 25.20 -16.74 4.10
C LEU B 101 24.67 -16.88 2.67
N MET B 102 24.70 -15.77 1.94
CA MET B 102 24.32 -15.80 0.53
C MET B 102 25.61 -15.55 -0.23
N ALA B 103 26.29 -16.64 -0.58
CA ALA B 103 27.71 -16.61 -0.95
C ALA B 103 28.00 -15.80 -2.21
N HIS B 104 27.00 -15.60 -3.05
CA HIS B 104 27.20 -14.81 -4.28
C HIS B 104 26.71 -13.35 -4.17
N GLY B 105 26.41 -12.95 -2.93
CA GLY B 105 26.10 -11.57 -2.62
C GLY B 105 24.75 -11.09 -3.13
N ASP B 106 24.60 -9.77 -3.27
CA ASP B 106 23.32 -9.24 -3.76
C ASP B 106 23.21 -9.49 -5.26
N LEU B 107 21.98 -9.61 -5.76
CA LEU B 107 21.75 -9.95 -7.16
C LEU B 107 22.22 -8.88 -8.15
N LYS B 108 22.15 -7.61 -7.77
CA LYS B 108 22.64 -6.57 -8.68
C LYS B 108 24.15 -6.73 -8.87
N SER B 109 24.88 -6.91 -7.77
CA SER B 109 26.33 -7.16 -7.82
C SER B 109 26.65 -8.40 -8.64
N TYR B 110 25.90 -9.47 -8.37
CA TYR B 110 26.07 -10.73 -9.08
C TYR B 110 25.90 -10.57 -10.60
N LEU B 111 24.79 -9.96 -11.00
CA LEU B 111 24.50 -9.71 -12.42
C LEU B 111 25.58 -8.86 -13.09
N ARG B 112 26.00 -7.78 -12.43
CA ARG B 112 27.10 -6.96 -12.98
C ARG B 112 28.41 -7.74 -13.17
N SER B 113 28.65 -8.73 -12.31
CA SER B 113 29.85 -9.59 -12.42
C SER B 113 29.81 -10.53 -13.63
N LEU B 114 28.63 -10.71 -14.22
CA LEU B 114 28.47 -11.60 -15.37
C LEU B 114 28.66 -10.87 -16.71
N ARG B 115 28.91 -9.55 -16.65
CA ARG B 115 29.16 -8.76 -17.86
C ARG B 115 30.53 -9.10 -18.45
N PRO B 116 30.64 -9.12 -19.79
CA PRO B 116 31.92 -9.49 -20.43
C PRO B 116 33.05 -8.58 -19.95
N GLU B 117 32.75 -7.31 -19.71
CA GLU B 117 33.66 -6.31 -19.16
C GLU B 117 34.20 -6.59 -17.72
N ALA B 118 33.42 -7.30 -16.91
CA ALA B 118 33.66 -7.41 -15.46
C ALA B 118 35.02 -8.01 -15.05
N GLU B 119 35.68 -7.33 -14.12
CA GLU B 119 36.97 -7.80 -13.58
C GLU B 119 36.79 -8.78 -12.42
N ASN B 120 35.55 -9.00 -12.01
CA ASN B 120 35.23 -9.92 -10.91
C ASN B 120 34.30 -11.06 -11.34
N ASN B 121 34.38 -11.44 -12.62
CA ASN B 121 33.57 -12.53 -13.17
C ASN B 121 33.71 -13.83 -12.35
N PRO B 122 32.58 -14.38 -11.86
CA PRO B 122 32.64 -15.54 -10.96
C PRO B 122 32.75 -16.89 -11.69
N GLY B 123 33.00 -16.86 -13.00
CA GLY B 123 33.10 -18.08 -13.80
C GLY B 123 31.74 -18.68 -14.18
N ARG B 124 30.77 -17.81 -14.45
CA ARG B 124 29.48 -18.18 -15.00
C ARG B 124 29.21 -17.25 -16.18
N PRO B 125 28.55 -17.75 -17.25
CA PRO B 125 28.12 -16.89 -18.36
C PRO B 125 26.87 -16.10 -17.95
N PRO B 126 26.37 -15.17 -18.80
CA PRO B 126 25.10 -14.53 -18.43
C PRO B 126 23.97 -15.57 -18.33
N PRO B 127 22.90 -15.24 -17.60
CA PRO B 127 21.87 -16.25 -17.37
C PRO B 127 21.21 -16.72 -18.65
N THR B 128 20.91 -18.01 -18.71
CA THR B 128 20.10 -18.58 -19.78
C THR B 128 18.64 -18.31 -19.47
N LEU B 129 17.75 -18.52 -20.46
CA LEU B 129 16.32 -18.32 -20.22
C LEU B 129 15.84 -19.22 -19.08
N GLN B 130 16.32 -20.47 -19.06
CA GLN B 130 15.95 -21.40 -18.00
C GLN B 130 16.33 -20.84 -16.62
N GLU B 131 17.54 -20.32 -16.52
CA GLU B 131 18.00 -19.70 -15.29
C GLU B 131 17.20 -18.46 -14.92
N MET B 132 16.81 -17.67 -15.92
CA MET B 132 15.99 -16.50 -15.67
C MET B 132 14.63 -16.89 -15.10
N ILE B 133 14.06 -17.93 -15.67
CA ILE B 133 12.75 -18.40 -15.24
C ILE B 133 12.84 -18.91 -13.81
N GLN B 134 13.90 -19.66 -13.51
CA GLN B 134 14.11 -20.17 -12.16
C GLN B 134 14.26 -19.01 -11.15
N MET B 135 15.06 -18.00 -11.51
CA MET B 135 15.22 -16.83 -10.63
C MET B 135 13.88 -16.11 -10.42
N ALA B 136 13.12 -15.95 -11.49
CA ALA B 136 11.85 -15.22 -11.41
C ALA B 136 10.91 -15.96 -10.46
N ALA B 137 10.86 -17.29 -10.59
CA ALA B 137 9.97 -18.08 -9.75
C ALA B 137 10.36 -18.01 -8.27
N GLU B 138 11.66 -18.07 -7.98
CA GLU B 138 12.16 -17.99 -6.61
C GLU B 138 11.84 -16.64 -5.97
N ILE B 139 12.11 -15.56 -6.71
CA ILE B 139 11.83 -14.20 -6.25
C ILE B 139 10.32 -14.05 -6.02
N ALA B 140 9.51 -14.47 -6.98
CA ALA B 140 8.06 -14.33 -6.84
C ALA B 140 7.56 -15.16 -5.66
N ASP B 141 8.13 -16.35 -5.46
CA ASP B 141 7.71 -17.19 -4.34
C ASP B 141 8.00 -16.54 -2.99
N GLY B 142 9.21 -16.00 -2.83
CA GLY B 142 9.56 -15.26 -1.60
C GLY B 142 8.64 -14.06 -1.41
N MET B 143 8.34 -13.36 -2.49
CA MET B 143 7.42 -12.22 -2.42
C MET B 143 5.99 -12.66 -2.09
N ALA B 144 5.55 -13.77 -2.67
CA ALA B 144 4.24 -14.34 -2.32
C ALA B 144 4.16 -14.62 -0.82
N TYR B 145 5.26 -15.15 -0.28
CA TYR B 145 5.32 -15.44 1.17
C TYR B 145 5.18 -14.16 2.00
N LEU B 146 6.01 -13.16 1.70
CA LEU B 146 5.97 -11.88 2.41
C LEU B 146 4.59 -11.22 2.34
N ASN B 147 3.99 -11.22 1.15
CA ASN B 147 2.66 -10.65 0.99
CA ASN B 147 2.65 -10.69 0.96
C ASN B 147 1.63 -11.44 1.80
N ALA B 148 1.78 -12.77 1.86
CA ALA B 148 0.85 -13.58 2.67
C ALA B 148 1.02 -13.27 4.15
N LYS B 149 2.22 -12.86 4.55
CA LYS B 149 2.53 -12.44 5.92
C LYS B 149 2.13 -10.97 6.16
N LYS B 150 1.45 -10.38 5.18
CA LYS B 150 0.88 -9.02 5.26
C LYS B 150 1.96 -7.94 5.24
N PHE B 151 3.07 -8.23 4.58
CA PHE B 151 4.10 -7.23 4.30
C PHE B 151 4.03 -6.76 2.88
N VAL B 152 4.13 -5.45 2.69
CA VAL B 152 4.37 -4.92 1.36
C VAL B 152 5.83 -4.48 1.40
N HIS B 153 6.63 -4.99 0.48
CA HIS B 153 8.10 -4.81 0.54
C HIS B 153 8.54 -3.34 0.33
N ARG B 154 8.03 -2.73 -0.73
CA ARG B 154 8.32 -1.32 -1.13
C ARG B 154 9.69 -1.05 -1.74
N ASP B 155 10.61 -2.02 -1.67
CA ASP B 155 11.95 -1.81 -2.24
C ASP B 155 12.49 -3.04 -2.95
N LEU B 156 11.62 -3.76 -3.64
CA LEU B 156 12.07 -4.92 -4.42
C LEU B 156 12.91 -4.43 -5.60
N ALA B 157 14.06 -5.05 -5.80
CA ALA B 157 15.06 -4.60 -6.79
C ALA B 157 16.13 -5.66 -6.76
N ALA B 158 16.94 -5.79 -7.82
CA ALA B 158 18.02 -6.79 -7.78
C ALA B 158 18.95 -6.58 -6.58
N ARG B 159 19.24 -5.32 -6.24
CA ARG B 159 20.13 -5.03 -5.13
C ARG B 159 19.59 -5.55 -3.78
N ASN B 160 18.26 -5.73 -3.72
CA ASN B 160 17.59 -6.24 -2.53
C ASN B 160 17.16 -7.71 -2.60
N CYS B 161 17.78 -8.42 -3.53
CA CYS B 161 17.72 -9.88 -3.58
C CYS B 161 19.14 -10.38 -3.39
N MET B 162 19.29 -11.60 -2.90
CA MET B 162 20.62 -12.17 -2.68
C MET B 162 20.73 -13.53 -3.34
N VAL B 163 21.97 -13.98 -3.58
CA VAL B 163 22.21 -15.21 -4.37
C VAL B 163 23.05 -16.16 -3.54
N ALA B 164 22.53 -17.38 -3.34
CA ALA B 164 23.21 -18.38 -2.51
C ALA B 164 24.33 -19.09 -3.26
N HIS B 165 25.11 -19.89 -2.52
CA HIS B 165 26.19 -20.69 -3.10
CA HIS B 165 26.20 -20.66 -3.13
C HIS B 165 25.70 -21.56 -4.26
N ASP B 166 24.50 -22.12 -4.10
CA ASP B 166 23.92 -22.98 -5.14
C ASP B 166 23.14 -22.22 -6.20
N PHE B 167 23.22 -20.89 -6.14
CA PHE B 167 22.62 -19.96 -7.12
C PHE B 167 21.12 -19.72 -6.95
N THR B 168 20.54 -20.28 -5.89
CA THR B 168 19.16 -19.91 -5.47
C THR B 168 19.11 -18.43 -5.19
N VAL B 169 18.12 -17.74 -5.76
CA VAL B 169 17.87 -16.35 -5.43
C VAL B 169 16.80 -16.23 -4.35
N LYS B 170 17.02 -15.30 -3.41
CA LYS B 170 16.08 -15.10 -2.30
C LYS B 170 15.85 -13.61 -2.11
N ILE B 171 14.71 -13.26 -1.52
CA ILE B 171 14.49 -11.86 -1.13
C ILE B 171 15.54 -11.54 -0.07
N GLY B 172 16.29 -10.47 -0.28
CA GLY B 172 17.47 -10.17 0.55
C GLY B 172 17.15 -9.76 1.98
N ASP B 173 18.12 -9.98 2.85
CA ASP B 173 18.08 -9.45 4.22
C ASP B 173 17.64 -8.00 4.14
N PHE B 174 16.58 -7.64 4.87
CA PHE B 174 15.92 -6.33 4.71
C PHE B 174 16.82 -5.13 5.01
N GLY B 175 16.83 -4.17 4.07
CA GLY B 175 17.50 -2.88 4.25
C GLY B 175 19.02 -2.84 4.10
N MET B 176 19.60 -3.94 3.64
CA MET B 176 21.05 -4.10 3.67
C MET B 176 21.85 -3.36 2.57
N THR B 177 21.16 -2.96 1.50
CA THR B 177 21.82 -2.40 0.33
C THR B 177 21.19 -1.10 -0.17
N ARG B 178 20.94 -0.17 0.74
CA ARG B 178 20.46 1.15 0.35
C ARG B 178 21.62 2.14 0.26
N ASP B 179 22.60 1.98 1.16
CA ASP B 179 23.78 2.86 1.16
C ASP B 179 24.88 2.36 0.20
N ILE B 180 24.82 1.07 -0.16
CA ILE B 180 25.49 0.60 -1.37
C ILE B 180 24.47 0.88 -2.46
N TYR B 181 24.89 1.35 -3.64
CA TYR B 181 23.93 1.68 -4.71
C TYR B 181 23.13 2.95 -4.36
N GLU B 182 23.85 3.92 -3.82
CA GLU B 182 23.27 5.18 -3.40
C GLU B 182 22.51 5.88 -4.52
N THR B 183 23.04 5.80 -5.74
CA THR B 183 22.37 6.43 -6.90
C THR B 183 21.07 5.73 -7.36
N ASP B 184 20.75 4.57 -6.79
CA ASP B 184 19.43 3.95 -7.04
C ASP B 184 18.30 4.62 -6.25
N TYR B 185 18.64 5.63 -5.46
CA TYR B 185 17.66 6.33 -4.63
C TYR B 185 17.69 7.82 -4.88
N TYR B 186 16.53 8.45 -4.72
CA TYR B 186 16.37 9.88 -4.94
C TYR B 186 15.71 10.44 -3.70
N ARG B 187 16.41 11.35 -3.03
CA ARG B 187 15.81 12.05 -1.88
C ARG B 187 15.05 13.29 -2.33
N LYS B 188 13.75 13.27 -2.14
CA LYS B 188 12.95 14.44 -2.43
C LYS B 188 12.45 14.92 -1.09
N GLY B 189 13.35 15.63 -0.40
CA GLY B 189 13.12 16.24 0.90
C GLY B 189 12.60 15.35 2.01
N GLY B 190 11.38 15.65 2.43
CA GLY B 190 10.74 14.97 3.55
C GLY B 190 10.31 13.54 3.31
N LYS B 191 10.30 13.12 2.03
CA LYS B 191 9.91 11.77 1.65
C LYS B 191 11.00 10.70 1.82
N GLY B 192 12.23 11.13 2.12
CA GLY B 192 13.32 10.21 2.36
C GLY B 192 13.85 9.66 1.04
N LEU B 193 14.70 8.64 1.12
CA LEU B 193 15.28 8.05 -0.09
C LEU B 193 14.25 7.16 -0.75
N LEU B 194 13.95 7.45 -2.01
CA LEU B 194 12.99 6.65 -2.75
C LEU B 194 13.61 6.03 -3.98
N PRO B 195 13.36 4.73 -4.20
CA PRO B 195 13.91 4.02 -5.37
C PRO B 195 13.05 4.30 -6.60
N VAL B 196 13.09 5.54 -7.07
CA VAL B 196 12.13 5.99 -8.09
C VAL B 196 12.14 5.19 -9.41
N ARG B 197 13.31 4.68 -9.82
CA ARG B 197 13.39 3.90 -11.06
C ARG B 197 12.72 2.52 -10.97
N TRP B 198 12.36 2.13 -9.75
CA TRP B 198 11.74 0.83 -9.47
C TRP B 198 10.27 0.98 -9.08
N MET B 199 9.81 2.21 -8.92
CA MET B 199 8.50 2.43 -8.31
C MET B 199 7.34 2.49 -9.28
N ALA B 200 6.18 1.99 -8.84
CA ALA B 200 4.96 2.05 -9.65
C ALA B 200 4.44 3.49 -9.75
N PRO B 201 3.70 3.81 -10.81
CA PRO B 201 3.22 5.18 -10.98
C PRO B 201 2.37 5.68 -9.81
N GLU B 202 1.50 4.81 -9.27
CA GLU B 202 0.67 5.21 -8.15
C GLU B 202 1.50 5.48 -6.90
N SER B 203 2.62 4.78 -6.76
CA SER B 203 3.54 5.02 -5.63
C SER B 203 4.29 6.36 -5.77
N LEU B 204 4.76 6.62 -6.98
CA LEU B 204 5.39 7.92 -7.30
C LEU B 204 4.39 9.08 -7.09
N LYS B 205 3.14 8.87 -7.49
CA LYS B 205 2.14 9.94 -7.46
C LYS B 205 1.66 10.24 -6.05
N ASP B 206 1.32 9.19 -5.31
CA ASP B 206 0.61 9.41 -4.04
C ASP B 206 1.20 8.69 -2.83
N GLY B 207 2.31 7.99 -3.03
CA GLY B 207 2.95 7.26 -1.93
C GLY B 207 2.15 6.05 -1.50
N VAL B 208 1.32 5.52 -2.40
CA VAL B 208 0.55 4.31 -2.16
CA VAL B 208 0.58 4.30 -2.10
C VAL B 208 1.39 3.09 -2.52
N PHE B 209 1.42 2.07 -1.65
CA PHE B 209 2.15 0.85 -1.91
C PHE B 209 1.24 -0.35 -1.62
N THR B 210 1.27 -1.33 -2.53
CA THR B 210 0.45 -2.55 -2.38
C THR B 210 1.24 -3.73 -2.93
N THR B 211 0.70 -4.92 -2.78
CA THR B 211 1.32 -6.09 -3.42
C THR B 211 1.47 -5.87 -4.94
N SER B 212 0.60 -5.03 -5.50
CA SER B 212 0.63 -4.74 -6.93
CA SER B 212 0.63 -4.72 -6.94
C SER B 212 1.75 -3.76 -7.30
N SER B 213 2.09 -2.84 -6.39
CA SER B 213 3.28 -2.02 -6.65
C SER B 213 4.56 -2.83 -6.43
N ASP B 214 4.53 -3.83 -5.55
CA ASP B 214 5.64 -4.78 -5.49
C ASP B 214 5.78 -5.53 -6.83
N MET B 215 4.65 -5.85 -7.48
CA MET B 215 4.66 -6.59 -8.75
C MET B 215 5.28 -5.70 -9.83
N TRP B 216 4.98 -4.42 -9.80
CA TRP B 216 5.62 -3.47 -10.72
C TRP B 216 7.16 -3.59 -10.60
N SER B 217 7.64 -3.54 -9.35
CA SER B 217 9.08 -3.62 -9.08
C SER B 217 9.67 -4.96 -9.49
N PHE B 218 8.89 -6.01 -9.30
CA PHE B 218 9.28 -7.34 -9.76
C PHE B 218 9.59 -7.30 -11.27
N GLY B 219 8.73 -6.63 -12.04
CA GLY B 219 8.97 -6.47 -13.47
C GLY B 219 10.32 -5.82 -13.72
N VAL B 220 10.64 -4.80 -12.92
CA VAL B 220 11.94 -4.12 -13.07
C VAL B 220 13.09 -5.05 -12.70
N VAL B 221 12.88 -5.91 -11.71
CA VAL B 221 13.89 -6.93 -11.40
C VAL B 221 14.15 -7.86 -12.62
N LEU B 222 13.09 -8.29 -13.29
CA LEU B 222 13.24 -9.10 -14.52
C LEU B 222 14.04 -8.32 -15.57
N TRP B 223 13.75 -7.03 -15.66
CA TRP B 223 14.45 -6.14 -16.59
C TRP B 223 15.95 -6.11 -16.24
N GLU B 224 16.26 -6.04 -14.95
CA GLU B 224 17.64 -6.05 -14.48
C GLU B 224 18.33 -7.38 -14.82
N ILE B 225 17.61 -8.49 -14.63
CA ILE B 225 18.16 -9.80 -14.99
C ILE B 225 18.53 -9.82 -16.46
N THR B 226 17.63 -9.33 -17.31
CA THR B 226 17.86 -9.35 -18.76
C THR B 226 18.82 -8.29 -19.32
N SER B 227 19.18 -7.30 -18.52
CA SER B 227 20.15 -6.26 -18.91
C SER B 227 21.47 -6.37 -18.18
N LEU B 228 21.59 -7.39 -17.33
CA LEU B 228 22.71 -7.51 -16.38
C LEU B 228 22.82 -6.23 -15.55
N ALA B 229 21.67 -5.85 -14.99
CA ALA B 229 21.56 -4.74 -14.04
C ALA B 229 22.13 -3.40 -14.53
N GLU B 230 21.75 -3.00 -15.74
CA GLU B 230 21.90 -1.59 -16.12
C GLU B 230 20.98 -0.76 -15.22
N GLN B 231 21.20 0.56 -15.19
CA GLN B 231 20.27 1.48 -14.49
C GLN B 231 19.03 1.59 -15.37
N PRO B 232 17.82 1.36 -14.79
CA PRO B 232 16.61 1.56 -15.57
C PRO B 232 16.53 3.02 -16.00
N TYR B 233 16.03 3.27 -17.21
CA TYR B 233 15.90 4.64 -17.76
C TYR B 233 17.22 5.40 -17.66
N GLN B 234 18.31 4.74 -18.03
CA GLN B 234 19.60 5.37 -18.02
C GLN B 234 19.48 6.63 -18.88
N GLY B 235 20.00 7.74 -18.44
CA GLY B 235 19.93 8.88 -19.37
C GLY B 235 18.61 9.65 -19.29
N LEU B 236 17.72 9.26 -18.36
CA LEU B 236 16.75 10.19 -17.80
C LEU B 236 17.18 10.47 -16.36
N SER B 237 17.04 11.73 -15.96
CA SER B 237 17.26 12.15 -14.57
C SER B 237 16.19 11.58 -13.65
N ASN B 238 16.45 11.62 -12.34
CA ASN B 238 15.44 11.16 -11.39
C ASN B 238 14.10 11.87 -11.56
N GLU B 239 14.13 13.19 -11.73
CA GLU B 239 12.89 13.96 -11.95
C GLU B 239 12.19 13.58 -13.25
N GLN B 240 12.97 13.35 -14.31
CA GLN B 240 12.38 12.88 -15.56
C GLN B 240 11.73 11.52 -15.41
N VAL B 241 12.37 10.60 -14.68
CA VAL B 241 11.82 9.28 -14.46
C VAL B 241 10.45 9.37 -13.78
N LEU B 242 10.39 10.21 -12.74
CA LEU B 242 9.14 10.42 -11.97
C LEU B 242 7.96 10.76 -12.86
N LYS B 243 8.17 11.76 -13.70
CA LYS B 243 7.12 12.24 -14.60
C LYS B 243 6.83 11.23 -15.71
N PHE B 244 7.89 10.66 -16.28
CA PHE B 244 7.77 9.69 -17.35
C PHE B 244 6.87 8.50 -16.93
N VAL B 245 7.19 7.90 -15.79
CA VAL B 245 6.40 6.76 -15.30
C VAL B 245 4.97 7.16 -14.89
N MET B 246 4.82 8.26 -14.18
CA MET B 246 3.47 8.71 -13.78
C MET B 246 2.56 8.97 -14.98
N ASP B 247 3.18 9.38 -16.08
CA ASP B 247 2.47 9.70 -17.31
C ASP B 247 2.15 8.48 -18.16
N GLY B 248 2.56 7.30 -17.70
CA GLY B 248 2.25 6.04 -18.40
C GLY B 248 3.43 5.35 -19.08
N GLY B 249 4.63 5.88 -18.88
CA GLY B 249 5.83 5.26 -19.40
C GLY B 249 6.27 4.00 -18.66
N TYR B 250 7.01 3.14 -19.36
CA TYR B 250 7.66 1.99 -18.74
C TYR B 250 8.85 1.57 -19.58
N LEU B 251 9.61 0.61 -19.08
CA LEU B 251 10.86 0.19 -19.70
C LEU B 251 10.67 -0.58 -20.98
N ASP B 252 11.47 -0.21 -21.99
CA ASP B 252 11.66 -1.00 -23.18
C ASP B 252 12.50 -2.22 -22.79
N GLN B 253 12.18 -3.40 -23.32
CA GLN B 253 12.97 -4.59 -22.98
C GLN B 253 14.38 -4.51 -23.56
N PRO B 254 15.36 -5.08 -22.83
CA PRO B 254 16.74 -5.03 -23.28
C PRO B 254 16.96 -5.80 -24.57
N ASP B 255 18.11 -5.59 -25.20
CA ASP B 255 18.52 -6.36 -26.36
C ASP B 255 18.48 -7.86 -26.04
N ASN B 256 17.99 -8.64 -27.00
CA ASN B 256 17.98 -10.10 -26.91
C ASN B 256 17.12 -10.67 -25.78
N CYS B 257 16.25 -9.84 -25.20
CA CYS B 257 15.37 -10.30 -24.12
C CYS B 257 14.47 -11.40 -24.63
N PRO B 258 14.40 -12.53 -23.91
CA PRO B 258 13.53 -13.62 -24.35
C PRO B 258 12.05 -13.22 -24.26
N GLU B 259 11.26 -13.67 -25.23
CA GLU B 259 9.84 -13.30 -25.36
C GLU B 259 9.04 -13.61 -24.10
N ARG B 260 9.31 -14.77 -23.51
CA ARG B 260 8.63 -15.19 -22.29
C ARG B 260 8.82 -14.18 -21.15
N VAL B 261 10.03 -13.65 -21.04
CA VAL B 261 10.34 -12.67 -19.98
C VAL B 261 9.73 -11.30 -20.29
N THR B 262 9.80 -10.90 -21.56
CA THR B 262 9.11 -9.68 -22.01
C THR B 262 7.62 -9.72 -21.64
N ASP B 263 6.99 -10.87 -21.88
CA ASP B 263 5.57 -11.05 -21.58
C ASP B 263 5.27 -10.88 -20.09
N LEU B 264 6.15 -11.42 -19.24
CA LEU B 264 6.01 -11.21 -17.80
C LEU B 264 6.12 -9.74 -17.41
N MET B 265 7.11 -9.04 -17.97
CA MET B 265 7.31 -7.61 -17.67
C MET B 265 6.07 -6.80 -18.05
N ARG B 266 5.51 -7.11 -19.21
CA ARG B 266 4.35 -6.38 -19.70
C ARG B 266 3.19 -6.53 -18.72
N MET B 267 3.03 -7.72 -18.15
CA MET B 267 1.99 -7.96 -17.16
C MET B 267 2.21 -7.07 -15.92
N CYS B 268 3.47 -6.96 -15.49
CA CYS B 268 3.82 -6.18 -14.29
C CYS B 268 3.61 -4.68 -14.44
N TRP B 269 3.65 -4.19 -15.68
CA TRP B 269 3.63 -2.74 -15.91
C TRP B 269 2.30 -2.18 -16.46
N GLN B 270 1.22 -2.93 -16.28
CA GLN B 270 -0.13 -2.40 -16.49
C GLN B 270 -0.27 -1.16 -15.62
N PHE B 271 -0.87 -0.11 -16.18
CA PHE B 271 -0.99 1.14 -15.44
C PHE B 271 -1.85 0.99 -14.20
N ASN B 272 -3.01 0.33 -14.39
CA ASN B 272 -3.95 0.06 -13.30
C ASN B 272 -3.40 -1.09 -12.43
N PRO B 273 -3.14 -0.83 -11.14
CA PRO B 273 -2.57 -1.92 -10.33
C PRO B 273 -3.52 -3.12 -10.21
N ASN B 274 -4.82 -2.92 -10.43
CA ASN B 274 -5.79 -4.02 -10.36
C ASN B 274 -5.58 -5.01 -11.50
N MET B 275 -4.82 -4.58 -12.52
CA MET B 275 -4.63 -5.38 -13.73
C MET B 275 -3.32 -6.17 -13.76
N ARG B 276 -2.48 -5.96 -12.75
CA ARG B 276 -1.23 -6.68 -12.64
C ARG B 276 -1.46 -8.05 -12.00
N PRO B 277 -0.55 -9.01 -12.27
CA PRO B 277 -0.74 -10.31 -11.62
C PRO B 277 -0.36 -10.28 -10.14
N THR B 278 -0.69 -11.35 -9.43
CA THR B 278 -0.19 -11.53 -8.05
C THR B 278 1.06 -12.40 -8.12
N PHE B 279 1.83 -12.44 -7.04
CA PHE B 279 3.01 -13.29 -6.99
C PHE B 279 2.67 -14.76 -7.09
N LEU B 280 1.58 -15.19 -6.46
CA LEU B 280 1.16 -16.57 -6.61
C LEU B 280 0.84 -16.91 -8.05
N GLU B 281 0.25 -15.95 -8.76
CA GLU B 281 -0.07 -16.16 -10.17
C GLU B 281 1.19 -16.30 -11.01
N ILE B 282 2.22 -15.52 -10.69
CA ILE B 282 3.50 -15.63 -11.40
C ILE B 282 4.09 -17.02 -11.16
N VAL B 283 4.11 -17.48 -9.91
CA VAL B 283 4.68 -18.80 -9.66
C VAL B 283 3.85 -19.86 -10.42
N ASN B 284 2.53 -19.68 -10.40
CA ASN B 284 1.65 -20.63 -11.09
C ASN B 284 1.96 -20.72 -12.58
N LEU B 285 2.23 -19.56 -13.19
CA LEU B 285 2.60 -19.50 -14.61
C LEU B 285 3.90 -20.24 -14.93
N LEU B 286 4.84 -20.24 -13.99
CA LEU B 286 6.18 -20.75 -14.22
C LEU B 286 6.45 -22.16 -13.68
N LYS B 287 5.50 -22.69 -12.91
CA LYS B 287 5.79 -23.86 -12.04
C LYS B 287 6.18 -25.13 -12.79
N ASP B 288 5.80 -25.24 -14.07
CA ASP B 288 6.09 -26.46 -14.85
C ASP B 288 7.51 -26.48 -15.41
N ASP B 289 8.21 -25.37 -15.26
CA ASP B 289 9.51 -25.17 -15.88
C ASP B 289 10.59 -24.95 -14.85
N LEU B 290 10.45 -25.58 -13.69
CA LEU B 290 11.40 -25.33 -12.60
C LEU B 290 12.23 -26.54 -12.20
N HIS B 291 13.29 -26.31 -11.42
CA HIS B 291 14.12 -27.38 -10.89
C HIS B 291 13.22 -28.33 -10.09
N PRO B 292 13.53 -29.64 -10.12
CA PRO B 292 12.65 -30.59 -9.39
C PRO B 292 12.55 -30.34 -7.89
N SER B 293 13.51 -29.64 -7.30
CA SER B 293 13.48 -29.32 -5.87
C SER B 293 12.45 -28.25 -5.52
N PHE B 294 11.97 -27.50 -6.50
CA PHE B 294 11.10 -26.34 -6.19
C PHE B 294 9.90 -26.67 -5.29
N PRO B 295 9.10 -27.71 -5.63
CA PRO B 295 7.95 -27.98 -4.75
C PRO B 295 8.32 -28.34 -3.31
N GLU B 296 9.49 -28.95 -3.08
CA GLU B 296 9.87 -29.31 -1.72
C GLU B 296 10.17 -28.09 -0.85
N VAL B 297 10.59 -27.00 -1.47
CA VAL B 297 11.10 -25.86 -0.70
C VAL B 297 10.21 -24.61 -0.79
N SER B 298 9.27 -24.59 -1.74
CA SER B 298 8.54 -23.35 -2.00
C SER B 298 7.45 -23.01 -1.01
N PHE B 299 7.19 -21.71 -0.85
CA PHE B 299 5.96 -21.26 -0.19
C PHE B 299 4.72 -21.71 -0.97
N PHE B 300 4.77 -21.57 -2.30
CA PHE B 300 3.65 -21.93 -3.18
C PHE B 300 3.09 -23.33 -2.91
N HIS B 301 3.99 -24.31 -2.75
CA HIS B 301 3.58 -25.70 -2.57
C HIS B 301 3.42 -26.11 -1.09
N SER B 302 3.43 -25.13 -0.18
CA SER B 302 3.48 -25.37 1.26
C SER B 302 2.11 -25.21 1.92
N GLU B 303 2.00 -25.71 3.14
CA GLU B 303 0.77 -25.63 3.92
C GLU B 303 0.38 -24.18 4.23
N GLU B 304 1.36 -23.29 4.27
CA GLU B 304 1.07 -21.90 4.59
C GLU B 304 0.41 -21.11 3.46
N ASN B 305 0.45 -21.65 2.25
CA ASN B 305 -0.21 -21.01 1.12
C ASN B 305 -1.70 -21.34 1.11
N LYS B 306 -2.49 -20.55 1.85
CA LYS B 306 -3.93 -20.81 2.02
C LYS B 306 -4.70 -19.49 2.03
#